data_4M94
#
_entry.id   4M94
#
_cell.length_a   53.957
_cell.length_b   145.722
_cell.length_c   46.876
_cell.angle_alpha   90.00
_cell.angle_beta   90.00
_cell.angle_gamma   90.00
#
_symmetry.space_group_name_H-M   'P 21 21 2'
#
loop_
_entity.id
_entity.type
_entity.pdbx_description
1 polymer 'Gag-Pol polyprotein'
2 polymer "5' d(ATCCGttA) 3'"
3 polymer "5' d(TAACGGAT) 3'"
4 non-polymer 1,2-ETHANEDIOL
5 water water
#
loop_
_entity_poly.entity_id
_entity_poly.type
_entity_poly.pdbx_seq_one_letter_code
_entity_poly.pdbx_strand_id
1 'polypeptide(L)'
;GSHMTWLSDFPQAWAETGGMGLAVRQAPLIIPLKATSTPVSIKQYPMSQEARLGIKPHIQRLLDQGILVPCQSPWNTPLL
PVKKPGTNDYRPVQDLREVNKRVEDIHPTVPNPYNLLSGLPPSHQWYTVLDLKDAFFCLRLHPTSQPLFAFEWRDPEMGI
SGQLTWTRLPQGFKNSPTLFDEALHRDLADFRIQHPDLILLQYVDDLLLAATSELDCQQGTRALLQTLGNLGYRASAKKA
QICQKQVKYLGYLLKEGQR
;
A
2 'polydeoxyribonucleotide' (DA)(DT)(DC)(DC)(DG)(QBT)(DT)(DA) B
3 'polydeoxyribonucleotide' (DT)(DA)(DA)(DC)(DG)(DG)(DA)(DT) G
#
# COMPACT_ATOMS: atom_id res chain seq x y z
N THR A 5 19.77 -12.46 13.18
CA THR A 5 19.27 -11.12 12.91
C THR A 5 17.75 -11.07 12.88
N TRP A 6 17.24 -9.85 12.73
CA TRP A 6 15.81 -9.62 12.60
C TRP A 6 15.30 -10.18 11.30
N LEU A 7 16.15 -10.09 10.28
CA LEU A 7 15.77 -10.53 8.94
C LEU A 7 15.57 -12.04 8.89
N SER A 8 16.26 -12.78 9.76
CA SER A 8 16.21 -14.24 9.74
C SER A 8 15.25 -14.86 10.77
N ASP A 9 14.97 -14.15 11.85
CA ASP A 9 13.97 -14.62 12.81
C ASP A 9 12.55 -14.44 12.27
N PHE A 10 12.36 -13.50 11.36
CA PHE A 10 11.02 -13.22 10.84
C PHE A 10 11.00 -13.12 9.31
N PRO A 11 11.29 -14.24 8.63
CA PRO A 11 11.46 -14.23 7.16
C PRO A 11 10.16 -13.90 6.45
N GLN A 12 9.05 -14.29 7.06
CA GLN A 12 7.73 -14.04 6.50
C GLN A 12 7.35 -12.56 6.52
N ALA A 13 7.97 -11.80 7.41
CA ALA A 13 7.56 -10.42 7.69
C ALA A 13 8.19 -9.39 6.76
N TRP A 14 9.22 -9.78 6.03
CA TRP A 14 9.98 -8.81 5.25
C TRP A 14 9.71 -8.97 3.77
N ALA A 15 9.55 -7.85 3.07
CA ALA A 15 9.35 -7.92 1.62
C ALA A 15 10.46 -8.73 0.97
N GLU A 16 11.67 -8.58 1.51
CA GLU A 16 12.87 -9.22 0.97
C GLU A 16 12.81 -10.74 0.98
N THR A 17 12.17 -11.31 1.99
CA THR A 17 12.26 -12.74 2.23
C THR A 17 10.91 -13.45 2.27
N GLY A 18 9.82 -12.69 2.28
CA GLY A 18 8.50 -13.25 2.51
C GLY A 18 7.66 -13.52 1.27
N GLY A 19 8.15 -13.07 0.11
CA GLY A 19 7.32 -13.11 -1.08
C GLY A 19 6.22 -12.06 -1.01
N MET A 20 5.33 -12.05 -1.98
CA MET A 20 4.30 -11.02 -2.02
C MET A 20 3.38 -11.15 -0.83
N GLY A 21 2.83 -10.01 -0.41
CA GLY A 21 1.84 -10.00 0.65
C GLY A 21 0.44 -10.14 0.09
N LEU A 22 -0.49 -10.39 1.00
CA LEU A 22 -1.89 -10.52 0.69
C LEU A 22 -2.54 -10.54 2.04
N ALA A 23 -3.38 -9.56 2.32
CA ALA A 23 -4.02 -9.48 3.62
C ALA A 23 -5.19 -10.46 3.64
N VAL A 24 -4.92 -11.68 4.08
CA VAL A 24 -5.89 -12.79 4.03
C VAL A 24 -7.15 -12.57 4.87
N ARG A 25 -7.06 -11.75 5.92
CA ARG A 25 -8.22 -11.57 6.80
C ARG A 25 -9.14 -10.47 6.28
N GLN A 26 -8.69 -9.75 5.26
CA GLN A 26 -9.50 -8.68 4.69
C GLN A 26 -10.32 -9.12 3.48
N ALA A 27 -11.65 -9.07 3.61
CA ALA A 27 -12.53 -9.40 2.51
C ALA A 27 -12.19 -8.54 1.28
N PRO A 28 -12.32 -9.11 0.07
CA PRO A 28 -12.07 -8.32 -1.14
C PRO A 28 -12.91 -7.05 -1.15
N LEU A 29 -12.26 -5.93 -1.48
CA LEU A 29 -12.92 -4.62 -1.40
C LEU A 29 -13.95 -4.39 -2.50
N ILE A 30 -15.11 -3.87 -2.09
CA ILE A 30 -16.17 -3.46 -3.00
C ILE A 30 -16.24 -1.95 -3.01
N ILE A 31 -16.13 -1.37 -4.20
CA ILE A 31 -16.06 0.08 -4.36
C ILE A 31 -17.39 0.66 -4.85
N PRO A 32 -18.19 1.26 -3.95
CA PRO A 32 -19.47 1.84 -4.36
C PRO A 32 -19.34 3.08 -5.27
N LEU A 33 -20.16 3.13 -6.32
CA LEU A 33 -20.22 4.28 -7.22
C LEU A 33 -21.22 5.31 -6.73
N LYS A 34 -21.08 6.55 -7.18
CA LYS A 34 -22.09 7.57 -6.94
C LYS A 34 -23.39 7.14 -7.62
N ALA A 35 -24.51 7.66 -7.14
CA ALA A 35 -25.83 7.22 -7.59
C ALA A 35 -26.05 7.37 -9.09
N THR A 36 -25.47 8.41 -9.68
CA THR A 36 -25.72 8.70 -11.08
C THR A 36 -24.60 8.25 -12.02
N SER A 37 -23.61 7.54 -11.48
CA SER A 37 -22.42 7.19 -12.25
C SER A 37 -22.62 6.23 -13.43
N THR A 38 -22.02 6.61 -14.55
CA THR A 38 -21.98 5.79 -15.77
C THR A 38 -20.52 5.50 -16.13
N PRO A 39 -20.23 4.31 -16.66
CA PRO A 39 -18.84 4.01 -17.00
C PRO A 39 -18.27 5.00 -17.99
N VAL A 40 -16.98 5.30 -17.83
CA VAL A 40 -16.33 6.23 -18.73
C VAL A 40 -15.19 5.49 -19.42
N SER A 41 -15.12 5.63 -20.75
CA SER A 41 -14.10 4.97 -21.53
C SER A 41 -13.25 6.00 -22.26
N ILE A 42 -12.09 6.32 -21.68
CA ILE A 42 -11.16 7.26 -22.28
C ILE A 42 -10.14 6.49 -23.11
N LYS A 43 -9.97 6.91 -24.36
CA LYS A 43 -9.07 6.20 -25.25
C LYS A 43 -7.62 6.35 -24.79
N GLN A 44 -6.84 5.29 -24.92
CA GLN A 44 -5.42 5.33 -24.58
C GLN A 44 -4.66 6.21 -25.58
N TYR A 45 -3.95 7.21 -25.07
CA TYR A 45 -3.13 8.06 -25.92
C TYR A 45 -1.92 7.28 -26.43
N PRO A 46 -1.56 7.48 -27.70
CA PRO A 46 -0.42 6.74 -28.26
C PRO A 46 0.84 6.92 -27.40
N MET A 47 1.53 5.81 -27.14
CA MET A 47 2.75 5.85 -26.34
C MET A 47 3.95 5.62 -27.26
N SER A 48 5.00 6.42 -27.10
CA SER A 48 6.25 6.21 -27.82
C SER A 48 6.82 4.84 -27.48
N GLN A 49 7.64 4.30 -28.38
CA GLN A 49 8.26 3.02 -28.12
C GLN A 49 9.15 3.07 -26.88
N GLU A 50 9.84 4.18 -26.66
CA GLU A 50 10.72 4.28 -25.51
C GLU A 50 9.97 4.10 -24.19
N ALA A 51 8.82 4.78 -24.07
CA ALA A 51 7.97 4.69 -22.90
C ALA A 51 7.35 3.31 -22.77
N ARG A 52 6.84 2.78 -23.88
CA ARG A 52 6.32 1.43 -23.89
C ARG A 52 7.35 0.39 -23.41
N LEU A 53 8.55 0.42 -23.99
CA LEU A 53 9.66 -0.44 -23.56
C LEU A 53 10.02 -0.23 -22.09
N GLY A 54 10.03 1.03 -21.66
CA GLY A 54 10.31 1.34 -20.27
C GLY A 54 9.31 0.72 -19.31
N ILE A 55 8.05 0.69 -19.71
CA ILE A 55 6.94 0.26 -18.86
C ILE A 55 6.68 -1.25 -18.91
N LYS A 56 6.99 -1.85 -20.05
CA LYS A 56 6.65 -3.25 -20.35
C LYS A 56 7.00 -4.31 -19.27
N PRO A 57 8.26 -4.31 -18.79
CA PRO A 57 8.65 -5.31 -17.78
C PRO A 57 7.88 -5.16 -16.46
N HIS A 58 7.51 -3.93 -16.11
CA HIS A 58 6.62 -3.70 -14.97
C HIS A 58 5.25 -4.32 -15.18
N ILE A 59 4.66 -4.10 -16.35
CA ILE A 59 3.39 -4.72 -16.69
C ILE A 59 3.49 -6.24 -16.68
N GLN A 60 4.56 -6.77 -17.27
CA GLN A 60 4.79 -8.21 -17.29
C GLN A 60 4.88 -8.78 -15.87
N ARG A 61 5.66 -8.14 -15.02
CA ARG A 61 5.79 -8.54 -13.61
C ARG A 61 4.42 -8.63 -12.91
N LEU A 62 3.62 -7.59 -13.04
CA LEU A 62 2.29 -7.54 -12.41
C LEU A 62 1.35 -8.63 -12.93
N LEU A 63 1.44 -8.91 -14.22
CA LEU A 63 0.70 -10.02 -14.81
C LEU A 63 1.19 -11.35 -14.22
N ASP A 64 2.51 -11.53 -14.16
CA ASP A 64 3.07 -12.77 -13.58
C ASP A 64 2.65 -12.92 -12.13
N GLN A 65 2.50 -11.80 -11.42
CA GLN A 65 2.12 -11.80 -10.01
C GLN A 65 0.62 -11.93 -9.80
N GLY A 66 -0.16 -11.84 -10.87
CA GLY A 66 -1.60 -11.94 -10.75
C GLY A 66 -2.25 -10.65 -10.26
N ILE A 67 -1.44 -9.60 -10.15
CA ILE A 67 -1.93 -8.29 -9.73
C ILE A 67 -2.66 -7.59 -10.89
N LEU A 68 -2.19 -7.81 -12.11
CA LEU A 68 -2.92 -7.45 -13.32
C LEU A 68 -3.53 -8.69 -13.97
N VAL A 69 -4.76 -8.57 -14.48
CA VAL A 69 -5.35 -9.64 -15.28
C VAL A 69 -6.00 -9.08 -16.54
N PRO A 70 -6.01 -9.87 -17.62
CA PRO A 70 -6.76 -9.46 -18.82
C PRO A 70 -8.21 -9.23 -18.45
N CYS A 71 -8.88 -8.34 -19.19
CA CYS A 71 -10.29 -8.13 -18.98
C CYS A 71 -10.86 -7.40 -20.18
N GLN A 72 -12.18 -7.24 -20.16
CA GLN A 72 -12.89 -6.46 -21.14
C GLN A 72 -13.94 -5.67 -20.35
N SER A 73 -13.80 -4.36 -20.31
CA SER A 73 -14.62 -3.53 -19.44
C SER A 73 -15.07 -2.27 -20.17
N PRO A 74 -16.25 -1.74 -19.82
CA PRO A 74 -16.79 -0.48 -20.34
C PRO A 74 -16.07 0.73 -19.74
N TRP A 75 -15.26 0.50 -18.71
CA TRP A 75 -14.44 1.57 -18.14
C TRP A 75 -13.05 1.50 -18.77
N ASN A 76 -12.48 2.66 -19.07
CA ASN A 76 -11.09 2.70 -19.48
C ASN A 76 -10.50 4.05 -19.15
N THR A 77 -9.32 4.04 -18.54
CA THR A 77 -8.55 5.25 -18.28
C THR A 77 -7.13 5.11 -18.83
N PRO A 78 -6.48 6.26 -19.11
CA PRO A 78 -5.17 6.27 -19.77
C PRO A 78 -4.03 5.76 -18.89
N LEU A 79 -3.12 5.02 -19.49
CA LEU A 79 -1.86 4.67 -18.85
C LEU A 79 -0.83 5.71 -19.27
N LEU A 80 -0.16 6.32 -18.29
CA LEU A 80 0.87 7.33 -18.57
C LEU A 80 2.28 6.80 -18.29
N PRO A 81 3.25 7.20 -19.12
CA PRO A 81 4.65 6.86 -18.85
C PRO A 81 5.27 7.98 -18.02
N VAL A 82 5.81 7.67 -16.85
CA VAL A 82 6.39 8.70 -15.99
C VAL A 82 7.81 8.34 -15.52
N LYS A 83 8.75 9.23 -15.78
CA LYS A 83 10.13 9.03 -15.35
C LYS A 83 10.38 9.49 -13.91
N THR A 87 15.91 10.73 -12.32
CA THR A 87 16.14 9.42 -12.92
C THR A 87 15.36 9.24 -14.21
N ASN A 88 15.96 8.54 -15.17
CA ASN A 88 15.38 8.38 -16.51
C ASN A 88 14.59 7.08 -16.71
N ASP A 89 14.15 6.48 -15.61
CA ASP A 89 13.38 5.23 -15.70
C ASP A 89 11.89 5.52 -15.81
N TYR A 90 11.23 4.89 -16.79
CA TYR A 90 9.78 5.00 -16.96
C TYR A 90 9.01 4.05 -16.05
N ARG A 91 7.95 4.56 -15.42
CA ARG A 91 7.03 3.75 -14.62
C ARG A 91 5.59 3.99 -15.10
N PRO A 92 4.73 2.96 -15.00
CA PRO A 92 3.34 3.11 -15.42
C PRO A 92 2.55 3.91 -14.38
N VAL A 93 1.93 5.00 -14.80
CA VAL A 93 1.08 5.76 -13.91
C VAL A 93 -0.30 5.97 -14.53
N GLN A 94 -1.31 5.32 -13.97
CA GLN A 94 -2.65 5.39 -14.51
C GLN A 94 -3.33 6.68 -14.08
N ASP A 95 -3.97 7.35 -15.04
CA ASP A 95 -4.75 8.53 -14.72
C ASP A 95 -6.17 8.11 -14.42
N LEU A 96 -6.45 7.93 -13.13
CA LEU A 96 -7.73 7.44 -12.65
C LEU A 96 -8.69 8.56 -12.25
N ARG A 97 -8.35 9.80 -12.58
CA ARG A 97 -9.17 10.95 -12.20
C ARG A 97 -10.66 10.88 -12.57
N GLU A 98 -10.99 10.42 -13.78
CA GLU A 98 -12.40 10.32 -14.18
C GLU A 98 -13.11 9.15 -13.48
N VAL A 99 -12.34 8.13 -13.10
CA VAL A 99 -12.91 7.07 -12.25
C VAL A 99 -13.20 7.61 -10.84
N ASN A 100 -12.23 8.35 -10.30
CA ASN A 100 -12.34 8.92 -8.95
C ASN A 100 -13.58 9.79 -8.76
N LYS A 101 -13.87 10.63 -9.75
CA LYS A 101 -15.02 11.54 -9.70
C LYS A 101 -16.34 10.77 -9.66
N ARG A 102 -16.31 9.53 -10.14
CA ARG A 102 -17.53 8.75 -10.26
C ARG A 102 -17.75 7.79 -9.10
N VAL A 103 -16.73 7.68 -8.24
CA VAL A 103 -16.79 6.81 -7.07
C VAL A 103 -17.33 7.59 -5.85
N GLU A 104 -18.18 6.93 -5.08
CA GLU A 104 -18.76 7.57 -3.90
C GLU A 104 -17.68 7.95 -2.87
N ASP A 105 -17.77 9.17 -2.35
CA ASP A 105 -16.85 9.64 -1.33
C ASP A 105 -16.98 8.91 -0.01
N ILE A 106 -15.87 8.77 0.69
CA ILE A 106 -15.86 8.24 2.04
C ILE A 106 -15.21 9.25 2.99
N HIS A 107 -15.53 9.16 4.27
CA HIS A 107 -14.93 10.06 5.24
C HIS A 107 -13.41 9.87 5.30
N PRO A 108 -12.65 10.97 5.30
CA PRO A 108 -11.18 10.86 5.33
C PRO A 108 -10.72 10.59 6.76
N THR A 109 -10.52 9.32 7.11
CA THR A 109 -10.18 8.96 8.48
C THR A 109 -8.68 8.95 8.79
N VAL A 110 -7.81 9.07 7.80
CA VAL A 110 -6.38 9.14 8.13
C VAL A 110 -6.05 10.50 8.74
N PRO A 111 -5.55 10.50 10.00
CA PRO A 111 -5.18 11.74 10.69
C PRO A 111 -4.00 12.40 10.01
N ASN A 112 -3.94 13.73 9.99
CA ASN A 112 -2.72 14.39 9.50
C ASN A 112 -1.56 14.04 10.45
N PRO A 113 -0.35 13.95 9.90
CA PRO A 113 0.79 13.55 10.73
C PRO A 113 0.97 14.37 12.01
N TYR A 114 0.63 15.66 12.00
CA TYR A 114 0.75 16.47 13.20
C TYR A 114 -0.10 15.93 14.33
N ASN A 115 -1.38 15.72 14.05
CA ASN A 115 -2.30 15.16 15.03
C ASN A 115 -1.92 13.73 15.41
N LEU A 116 -1.42 12.96 14.44
CA LEU A 116 -1.01 11.60 14.74
C LEU A 116 0.11 11.58 15.79
N LEU A 117 1.14 12.39 15.56
CA LEU A 117 2.29 12.44 16.47
C LEU A 117 1.94 13.03 17.85
N SER A 118 0.84 13.77 17.92
CA SER A 118 0.39 14.31 19.19
C SER A 118 0.00 13.18 20.14
N GLY A 119 -0.02 11.95 19.63
CA GLY A 119 -0.39 10.80 20.44
C GLY A 119 0.82 10.00 20.91
N LEU A 120 2.01 10.57 20.76
CA LEU A 120 3.24 9.94 21.22
C LEU A 120 3.64 10.53 22.56
N PRO A 121 3.46 9.80 23.67
CA PRO A 121 3.86 10.32 24.97
C PRO A 121 5.38 10.34 25.11
N PRO A 122 5.91 11.26 25.92
CA PRO A 122 7.36 11.37 26.15
C PRO A 122 7.86 10.23 27.05
N SER A 123 6.92 9.46 27.60
CA SER A 123 7.24 8.27 28.38
C SER A 123 7.78 7.13 27.51
N HIS A 124 7.45 7.16 26.21
CA HIS A 124 7.88 6.11 25.29
C HIS A 124 8.92 6.63 24.32
N GLN A 125 10.19 6.37 24.62
CA GLN A 125 11.29 6.93 23.85
C GLN A 125 12.14 5.89 23.14
N TRP A 126 11.70 4.64 23.14
CA TRP A 126 12.34 3.62 22.30
C TRP A 126 11.47 3.34 21.07
N TYR A 127 12.02 3.60 19.89
CA TYR A 127 11.22 3.63 18.67
C TYR A 127 11.58 2.56 17.66
N THR A 128 10.57 2.02 16.99
CA THR A 128 10.77 1.25 15.77
C THR A 128 9.91 1.85 14.65
N VAL A 129 10.49 2.00 13.47
CA VAL A 129 9.75 2.48 12.32
C VAL A 129 9.80 1.45 11.21
N LEU A 130 8.62 1.02 10.75
CA LEU A 130 8.51 0.10 9.65
C LEU A 130 7.63 0.70 8.56
N ASP A 131 7.98 0.50 7.31
CA ASP A 131 7.04 0.81 6.24
C ASP A 131 6.70 -0.46 5.45
N LEU A 132 5.44 -0.58 5.08
CA LEU A 132 4.96 -1.75 4.38
C LEU A 132 5.18 -1.57 2.87
N LYS A 133 5.73 -2.59 2.24
CA LYS A 133 6.03 -2.56 0.82
C LYS A 133 4.77 -2.88 0.01
N ASP A 134 4.52 -2.09 -1.04
CA ASP A 134 3.36 -2.30 -1.90
C ASP A 134 2.10 -2.60 -1.09
N ALA A 135 1.79 -1.71 -0.15
CA ALA A 135 0.70 -1.89 0.79
C ALA A 135 -0.64 -2.12 0.10
N PHE A 136 -0.99 -1.24 -0.83
CA PHE A 136 -2.30 -1.31 -1.47
C PHE A 136 -2.47 -2.66 -2.17
N PHE A 137 -1.38 -3.14 -2.78
CA PHE A 137 -1.43 -4.41 -3.50
C PHE A 137 -1.68 -5.62 -2.59
N CYS A 138 -1.57 -5.46 -1.27
CA CYS A 138 -1.87 -6.53 -0.30
C CYS A 138 -3.37 -6.71 -0.09
N LEU A 139 -4.15 -5.72 -0.47
CA LEU A 139 -5.61 -5.80 -0.30
C LEU A 139 -6.27 -6.21 -1.59
N ARG A 140 -6.99 -7.32 -1.57
CA ARG A 140 -7.71 -7.75 -2.76
C ARG A 140 -8.81 -6.78 -3.14
N LEU A 141 -9.10 -6.74 -4.42
CA LEU A 141 -10.23 -5.99 -4.95
C LEU A 141 -11.29 -7.01 -5.36
N HIS A 142 -12.54 -6.77 -4.95
CA HIS A 142 -13.60 -7.69 -5.33
C HIS A 142 -13.79 -7.73 -6.84
N PRO A 143 -13.93 -8.93 -7.41
CA PRO A 143 -14.17 -9.08 -8.86
C PRO A 143 -15.24 -8.12 -9.42
N THR A 144 -16.31 -7.81 -8.68
CA THR A 144 -17.33 -6.86 -9.14
C THR A 144 -16.82 -5.41 -9.31
N SER A 145 -15.77 -5.04 -8.58
CA SER A 145 -15.23 -3.69 -8.70
C SER A 145 -13.99 -3.61 -9.58
N GLN A 146 -13.37 -4.75 -9.86
CA GLN A 146 -12.21 -4.78 -10.76
C GLN A 146 -12.34 -4.03 -12.11
N PRO A 147 -13.50 -4.13 -12.78
CA PRO A 147 -13.73 -3.50 -14.10
C PRO A 147 -13.55 -1.97 -14.11
N LEU A 148 -13.76 -1.35 -12.95
CA LEU A 148 -13.66 0.09 -12.79
C LEU A 148 -12.31 0.62 -13.26
N PHE A 149 -11.27 -0.17 -13.04
CA PHE A 149 -9.89 0.31 -13.14
C PHE A 149 -9.12 -0.17 -14.37
N ALA A 150 -9.86 -0.55 -15.42
CA ALA A 150 -9.25 -1.08 -16.63
C ALA A 150 -8.50 -0.01 -17.42
N PHE A 151 -7.41 -0.42 -18.05
CA PHE A 151 -6.71 0.42 -19.01
C PHE A 151 -6.32 -0.44 -20.21
N GLU A 152 -5.82 0.19 -21.26
CA GLU A 152 -5.44 -0.55 -22.47
C GLU A 152 -3.94 -0.88 -22.49
N TRP A 153 -3.62 -2.14 -22.79
CA TRP A 153 -2.23 -2.49 -23.01
C TRP A 153 -2.02 -3.01 -24.43
N ARG A 154 -1.43 -2.16 -25.26
CA ARG A 154 -1.18 -2.46 -26.68
C ARG A 154 0.31 -2.56 -26.93
N ASP A 155 0.75 -3.75 -27.35
CA ASP A 155 2.15 -3.98 -27.68
C ASP A 155 2.27 -4.32 -29.16
N PRO A 156 2.38 -3.28 -30.02
CA PRO A 156 2.30 -3.42 -31.48
C PRO A 156 3.24 -4.49 -32.02
N GLU A 157 4.51 -4.46 -31.60
CA GLU A 157 5.52 -5.40 -32.10
C GLU A 157 5.41 -6.78 -31.46
N MET A 158 4.25 -7.07 -30.87
CA MET A 158 3.96 -8.42 -30.39
C MET A 158 2.52 -8.78 -30.68
N GLY A 159 1.86 -7.97 -31.51
CA GLY A 159 0.46 -8.18 -31.82
C GLY A 159 -0.41 -8.28 -30.57
N ILE A 160 -0.14 -7.41 -29.61
CA ILE A 160 -0.86 -7.42 -28.33
C ILE A 160 -1.82 -6.25 -28.23
N SER A 161 -3.10 -6.55 -28.02
CA SER A 161 -4.09 -5.54 -27.73
C SER A 161 -5.12 -6.10 -26.75
N GLY A 162 -5.74 -5.22 -25.97
CA GLY A 162 -6.68 -5.63 -24.95
C GLY A 162 -6.54 -4.80 -23.69
N GLN A 163 -7.51 -4.91 -22.80
CA GLN A 163 -7.45 -4.19 -21.53
C GLN A 163 -6.89 -5.08 -20.43
N LEU A 164 -6.26 -4.45 -19.44
CA LEU A 164 -5.85 -5.10 -18.23
C LEU A 164 -6.55 -4.36 -17.11
N THR A 165 -6.77 -5.05 -15.99
CA THR A 165 -7.22 -4.35 -14.80
C THR A 165 -6.60 -4.97 -13.54
N TRP A 166 -6.83 -4.32 -12.41
CA TRP A 166 -6.19 -4.67 -11.16
C TRP A 166 -7.05 -5.65 -10.35
N THR A 167 -6.40 -6.61 -9.68
CA THR A 167 -7.07 -7.51 -8.75
C THR A 167 -6.84 -7.05 -7.31
N ARG A 168 -6.03 -6.00 -7.18
CA ARG A 168 -5.70 -5.45 -5.89
C ARG A 168 -6.04 -3.97 -5.91
N LEU A 169 -6.06 -3.38 -4.72
CA LEU A 169 -6.33 -1.95 -4.54
C LEU A 169 -5.26 -1.15 -5.28
N PRO A 170 -5.69 -0.24 -6.15
CA PRO A 170 -4.75 0.37 -7.08
C PRO A 170 -4.16 1.72 -6.64
N GLN A 171 -2.95 1.99 -7.10
CA GLN A 171 -2.38 3.33 -6.99
C GLN A 171 -3.21 4.27 -7.85
N GLY A 172 -3.30 5.53 -7.44
CA GLY A 172 -4.03 6.52 -8.19
C GLY A 172 -5.52 6.63 -7.86
N PHE A 173 -6.02 5.67 -7.11
CA PHE A 173 -7.43 5.65 -6.73
C PHE A 173 -7.60 6.50 -5.48
N LYS A 174 -8.50 7.47 -5.53
CA LYS A 174 -8.63 8.43 -4.44
C LYS A 174 -8.86 7.82 -3.04
N ASN A 175 -9.51 6.67 -2.95
CA ASN A 175 -9.81 6.08 -1.63
C ASN A 175 -8.80 5.05 -1.12
N SER A 176 -7.80 4.72 -1.91
CA SER A 176 -6.81 3.73 -1.49
C SER A 176 -6.14 4.02 -0.14
N PRO A 177 -5.60 5.24 0.04
CA PRO A 177 -4.92 5.48 1.33
C PRO A 177 -5.84 5.23 2.53
N THR A 178 -7.03 5.81 2.50
CA THR A 178 -7.99 5.64 3.59
C THR A 178 -8.41 4.18 3.80
N LEU A 179 -8.75 3.49 2.72
CA LEU A 179 -9.17 2.10 2.81
C LEU A 179 -8.04 1.22 3.31
N PHE A 180 -6.83 1.44 2.85
CA PHE A 180 -5.73 0.70 3.43
C PHE A 180 -5.52 0.95 4.93
N ASP A 181 -5.58 2.22 5.34
CA ASP A 181 -5.38 2.60 6.74
C ASP A 181 -6.42 1.91 7.62
N GLU A 182 -7.66 1.89 7.14
CA GLU A 182 -8.76 1.27 7.87
C GLU A 182 -8.62 -0.24 7.96
N ALA A 183 -8.23 -0.88 6.85
CA ALA A 183 -8.00 -2.33 6.84
C ALA A 183 -6.90 -2.74 7.81
N LEU A 184 -5.80 -2.01 7.81
CA LEU A 184 -4.68 -2.35 8.68
C LEU A 184 -5.03 -2.12 10.16
N HIS A 185 -5.83 -1.08 10.43
CA HIS A 185 -6.32 -0.82 11.77
C HIS A 185 -7.15 -2.01 12.30
N ARG A 186 -7.99 -2.59 11.44
CA ARG A 186 -8.77 -3.76 11.82
C ARG A 186 -7.86 -4.97 12.09
N ASP A 187 -6.85 -5.13 11.24
CA ASP A 187 -5.94 -6.27 11.39
C ASP A 187 -4.98 -6.15 12.59
N LEU A 188 -4.70 -4.93 13.03
CA LEU A 188 -3.78 -4.71 14.16
C LEU A 188 -4.49 -4.40 15.48
N ALA A 189 -5.82 -4.31 15.46
CA ALA A 189 -6.60 -4.03 16.66
C ALA A 189 -6.28 -4.99 17.82
N ASP A 190 -6.27 -6.29 17.54
CA ASP A 190 -5.94 -7.25 18.58
C ASP A 190 -4.51 -7.07 19.11
N PHE A 191 -3.57 -6.81 18.21
CA PHE A 191 -2.20 -6.56 18.64
C PHE A 191 -2.16 -5.43 19.67
N ARG A 192 -2.93 -4.38 19.42
CA ARG A 192 -2.99 -3.26 20.36
C ARG A 192 -3.54 -3.73 21.70
N ILE A 193 -4.54 -4.61 21.65
CA ILE A 193 -5.14 -5.16 22.87
C ILE A 193 -4.15 -6.02 23.65
N GLN A 194 -3.41 -6.88 22.95
CA GLN A 194 -2.41 -7.74 23.60
C GLN A 194 -1.21 -6.97 24.12
N HIS A 195 -1.03 -5.73 23.65
CA HIS A 195 0.13 -4.94 24.08
C HIS A 195 -0.26 -3.55 24.58
N PRO A 196 -0.96 -3.50 25.73
CA PRO A 196 -1.47 -2.25 26.30
C PRO A 196 -0.36 -1.24 26.55
N ASP A 197 0.86 -1.72 26.80
CA ASP A 197 1.97 -0.84 27.21
C ASP A 197 2.67 -0.18 26.03
N LEU A 198 2.39 -0.66 24.81
CA LEU A 198 3.01 -0.12 23.61
C LEU A 198 2.18 0.99 22.97
N ILE A 199 2.87 1.94 22.32
CA ILE A 199 2.22 2.93 21.47
C ILE A 199 2.44 2.52 20.01
N LEU A 200 1.37 2.46 19.24
CA LEU A 200 1.49 2.16 17.81
C LEU A 200 0.78 3.26 17.04
N LEU A 201 1.54 3.95 16.21
CA LEU A 201 1.02 4.97 15.31
C LEU A 201 0.98 4.39 13.90
N GLN A 202 -0.16 4.52 13.22
CA GLN A 202 -0.26 4.09 11.83
C GLN A 202 -0.61 5.25 10.93
N TYR A 203 0.18 5.43 9.88
CA TYR A 203 -0.10 6.43 8.86
C TYR A 203 -0.04 5.72 7.50
N VAL A 204 -1.19 5.24 7.05
CA VAL A 204 -1.31 4.34 5.91
C VAL A 204 -0.30 3.18 6.01
N ASP A 205 0.77 3.22 5.23
CA ASP A 205 1.77 2.15 5.28
C ASP A 205 2.98 2.46 6.19
N ASP A 206 2.92 3.55 6.93
CA ASP A 206 4.03 3.96 7.78
C ASP A 206 3.73 3.76 9.25
N LEU A 207 4.51 2.89 9.88
CA LEU A 207 4.26 2.50 11.26
C LEU A 207 5.36 2.96 12.22
N LEU A 208 4.94 3.39 13.40
CA LEU A 208 5.83 3.70 14.50
C LEU A 208 5.39 2.92 15.73
N LEU A 209 6.29 2.10 16.27
CA LEU A 209 6.06 1.46 17.56
C LEU A 209 6.95 2.15 18.60
N ALA A 210 6.36 2.62 19.70
CA ALA A 210 7.16 3.21 20.78
C ALA A 210 6.99 2.42 22.07
N ALA A 211 8.09 2.25 22.80
CA ALA A 211 8.08 1.49 24.05
C ALA A 211 8.76 2.26 25.20
N THR A 212 8.46 1.84 26.42
CA THR A 212 9.05 2.46 27.59
C THR A 212 10.52 2.09 27.76
N SER A 213 10.91 0.90 27.30
CA SER A 213 12.30 0.46 27.39
C SER A 213 12.73 -0.27 26.13
N GLU A 214 14.04 -0.45 25.97
CA GLU A 214 14.59 -1.13 24.81
C GLU A 214 14.16 -2.59 24.77
N LEU A 215 14.08 -3.19 25.95
CA LEU A 215 13.57 -4.54 26.08
C LEU A 215 12.13 -4.61 25.57
N ASP A 216 11.29 -3.70 26.05
CA ASP A 216 9.89 -3.66 25.63
C ASP A 216 9.77 -3.43 24.12
N CYS A 217 10.65 -2.60 23.58
CA CYS A 217 10.67 -2.31 22.15
C CYS A 217 11.10 -3.55 21.35
N GLN A 218 12.11 -4.26 21.85
CA GLN A 218 12.58 -5.46 21.16
C GLN A 218 11.48 -6.52 21.16
N GLN A 219 10.88 -6.75 22.31
CA GLN A 219 9.82 -7.74 22.42
C GLN A 219 8.55 -7.32 21.68
N GLY A 220 8.29 -6.03 21.62
CA GLY A 220 7.10 -5.54 20.93
C GLY A 220 7.27 -5.60 19.43
N THR A 221 8.47 -5.25 18.96
CA THR A 221 8.80 -5.30 17.55
C THR A 221 8.77 -6.73 17.00
N ARG A 222 9.34 -7.67 17.75
CA ARG A 222 9.23 -9.08 17.41
C ARG A 222 7.77 -9.45 17.20
N ALA A 223 6.94 -9.13 18.18
CA ALA A 223 5.53 -9.47 18.09
C ALA A 223 4.84 -8.73 16.94
N LEU A 224 5.22 -7.48 16.68
CA LEU A 224 4.61 -6.75 15.58
C LEU A 224 5.00 -7.34 14.23
N LEU A 225 6.28 -7.68 14.06
CA LEU A 225 6.73 -8.31 12.81
C LEU A 225 6.04 -9.66 12.60
N GLN A 226 6.00 -10.48 13.64
CA GLN A 226 5.35 -11.77 13.57
C GLN A 226 3.90 -11.60 13.14
N THR A 227 3.22 -10.67 13.78
CA THR A 227 1.82 -10.37 13.49
C THR A 227 1.63 -9.91 12.03
N LEU A 228 2.42 -8.93 11.59
CA LEU A 228 2.32 -8.43 10.22
C LEU A 228 2.55 -9.54 9.18
N GLY A 229 3.61 -10.32 9.34
CA GLY A 229 3.89 -11.40 8.41
C GLY A 229 2.75 -12.40 8.34
N ASN A 230 2.26 -12.81 9.50
CA ASN A 230 1.12 -13.74 9.60
C ASN A 230 -0.14 -13.20 8.95
N LEU A 231 -0.36 -11.88 9.03
CA LEU A 231 -1.54 -11.27 8.45
C LEU A 231 -1.43 -11.14 6.93
N GLY A 232 -0.21 -11.29 6.40
CA GLY A 232 0.02 -11.17 4.97
C GLY A 232 0.62 -9.85 4.51
N TYR A 233 1.03 -8.99 5.43
CA TYR A 233 1.75 -7.75 5.06
C TYR A 233 3.27 -7.96 5.04
N ARG A 234 3.98 -7.08 4.33
CA ARG A 234 5.44 -7.19 4.21
C ARG A 234 6.14 -5.87 4.47
N ALA A 235 6.99 -5.84 5.50
CA ALA A 235 7.75 -4.64 5.82
C ALA A 235 9.05 -4.58 5.01
N SER A 236 9.52 -3.38 4.70
CA SER A 236 10.81 -3.18 4.04
C SER A 236 11.98 -3.35 5.01
N ALA A 237 12.76 -4.42 4.85
CA ALA A 237 13.91 -4.65 5.73
C ALA A 237 15.03 -3.63 5.51
N LYS A 238 15.15 -3.21 4.25
CA LYS A 238 16.17 -2.23 3.86
C LYS A 238 16.01 -0.91 4.61
N LYS A 239 14.76 -0.45 4.75
CA LYS A 239 14.49 0.84 5.39
C LYS A 239 14.19 0.75 6.89
N ALA A 240 14.03 -0.47 7.39
CA ALA A 240 13.61 -0.68 8.77
C ALA A 240 14.50 0.04 9.78
N GLN A 241 13.88 0.67 10.77
CA GLN A 241 14.58 1.30 11.89
C GLN A 241 14.15 0.61 13.17
N ILE A 242 15.02 -0.22 13.72
CA ILE A 242 14.63 -1.09 14.81
C ILE A 242 15.20 -0.71 16.17
N CYS A 243 14.31 -0.50 17.13
CA CYS A 243 14.67 -0.21 18.52
C CYS A 243 15.73 0.89 18.68
N GLN A 244 15.50 2.03 18.04
CA GLN A 244 16.45 3.12 18.11
C GLN A 244 16.01 4.19 19.12
N LYS A 245 16.99 4.95 19.61
CA LYS A 245 16.71 6.06 20.52
C LYS A 245 16.27 7.26 19.70
N GLN A 246 16.51 7.17 18.40
CA GLN A 246 16.18 8.23 17.47
C GLN A 246 15.80 7.65 16.09
N VAL A 247 14.70 8.14 15.53
CA VAL A 247 14.25 7.67 14.22
C VAL A 247 13.68 8.78 13.36
N LYS A 248 13.66 8.54 12.06
CA LYS A 248 12.94 9.38 11.11
C LYS A 248 11.56 8.78 10.84
N TYR A 249 10.50 9.52 11.17
CA TYR A 249 9.12 9.10 10.91
C TYR A 249 8.30 10.27 10.33
N LEU A 250 7.75 10.06 9.14
CA LEU A 250 6.85 11.04 8.52
C LEU A 250 7.50 12.41 8.39
N GLY A 251 8.79 12.41 8.06
CA GLY A 251 9.52 13.64 7.82
C GLY A 251 10.10 14.24 9.08
N TYR A 252 9.68 13.70 10.23
CA TYR A 252 10.19 14.19 11.50
C TYR A 252 11.38 13.35 11.96
N LEU A 253 12.23 13.98 12.78
CA LEU A 253 13.22 13.23 13.54
C LEU A 253 12.69 13.11 14.95
N LEU A 254 12.42 11.87 15.37
CA LEU A 254 11.96 11.62 16.72
C LEU A 254 13.16 11.29 17.61
N LYS A 255 13.31 12.02 18.70
CA LYS A 255 14.45 11.85 19.58
C LYS A 255 14.14 12.38 20.98
N GLU A 256 14.33 11.54 21.99
CA GLU A 256 14.23 11.99 23.38
C GLU A 256 12.82 12.45 23.75
N GLY A 257 11.84 12.07 22.94
CA GLY A 257 10.46 12.50 23.18
C GLY A 257 10.15 13.80 22.47
N GLN A 258 11.08 14.26 21.63
CA GLN A 258 10.95 15.53 20.93
C GLN A 258 10.49 15.37 19.47
N ARG A 259 9.70 16.32 19.01
CA ARG A 259 9.14 16.36 17.66
C ARG A 259 7.90 15.49 17.45
#